data_2FGQ
#
_entry.id   2FGQ
#
_cell.length_a   106.210
_cell.length_b   106.210
_cell.length_c   93.210
_cell.angle_alpha   90.00
_cell.angle_beta   90.00
_cell.angle_gamma   120.00
#
_symmetry.space_group_name_H-M   'P 63'
#
loop_
_entity.id
_entity.type
_entity.pdbx_description
1 polymer 'Outer membrane porin protein 32'
2 non-polymer 'octyl beta-D-glucopyranoside'
3 non-polymer 'CALCIUM ION'
4 non-polymer 'SULFATE ION'
5 non-polymer D-MALATE
6 water water
#
_entity_poly.entity_id   1
_entity_poly.type   'polypeptide(L)'
_entity_poly.pdbx_seq_one_letter_code
;QSSVTLFGIVDTNVAYVNKDAAGDSRYGLGTSGASTSRLGLRGTEDLGGGLKAGFWLEGEIFGDDGNASGFNFKRRSTVS
LSGNFGEVRLGRDLVPTSQKLTSYDLFSATGIGPFMGFRNWAAGQGADDNGIRANNLISYYTPNFGGFNAGFGYAFDEKQ
TIGTADSVGRYIGGYVAYDNGPLSASLGLAQQKTAVGGLATDRDEITLGASYNFGVAKLSGLLQQTKFKRDIGGDIKTNS
YMLGASAPVGGVGEVKLQYALYDQKAIDSKAHQITLGYVHNLSKRTALYGNLAFLKNKDASTLGLQAKGVYAGGVQAGES
QTGVQVGIRHAF
;
_entity_poly.pdbx_strand_id   X
#
# COMPACT_ATOMS: atom_id res chain seq x y z
N SER A 3 9.73 24.53 -11.73
CA SER A 3 10.72 24.21 -10.67
C SER A 3 11.02 22.69 -10.70
N VAL A 4 12.22 22.30 -10.26
CA VAL A 4 12.59 20.87 -10.03
C VAL A 4 13.03 20.68 -8.57
N THR A 5 12.43 19.69 -7.92
CA THR A 5 12.61 19.46 -6.50
C THR A 5 13.19 18.08 -6.27
N LEU A 6 14.28 18.03 -5.52
CA LEU A 6 14.84 16.79 -5.03
C LEU A 6 14.22 16.56 -3.66
N PHE A 7 13.75 15.36 -3.41
CA PHE A 7 13.12 15.06 -2.12
C PHE A 7 13.42 13.63 -1.70
N GLY A 8 13.09 13.31 -0.45
CA GLY A 8 13.24 11.95 0.00
C GLY A 8 12.90 11.78 1.44
N ILE A 9 13.00 10.53 1.85
CA ILE A 9 12.80 10.09 3.23
C ILE A 9 13.77 8.97 3.51
N VAL A 10 14.48 9.07 4.63
CA VAL A 10 15.21 7.92 5.16
C VAL A 10 14.54 7.55 6.50
N ASP A 11 13.97 6.37 6.51
CA ASP A 11 13.26 5.82 7.68
C ASP A 11 13.92 4.48 7.96
N THR A 12 14.63 4.42 9.09
CA THR A 12 15.39 3.23 9.49
C THR A 12 15.08 2.93 10.94
N ASN A 13 15.02 1.64 11.24
CA ASN A 13 14.54 1.19 12.55
C ASN A 13 15.32 -0.01 13.06
N VAL A 14 15.13 -0.30 14.33
CA VAL A 14 15.38 -1.61 14.87
C VAL A 14 14.02 -2.33 14.96
N ALA A 15 14.04 -3.61 14.66
CA ALA A 15 12.84 -4.39 14.68
C ALA A 15 13.06 -5.80 15.21
N TYR A 16 11.97 -6.38 15.69
CA TYR A 16 11.94 -7.69 16.29
C TYR A 16 10.61 -8.36 15.97
N VAL A 17 10.68 -9.64 15.65
CA VAL A 17 9.51 -10.52 15.68
C VAL A 17 9.85 -11.75 16.52
N ASN A 18 8.85 -12.25 17.22
CA ASN A 18 9.11 -13.39 18.11
C ASN A 18 9.18 -14.75 17.43
N LYS A 19 8.66 -14.86 16.23
CA LYS A 19 8.76 -16.10 15.48
C LYS A 19 8.83 -15.86 13.98
N ASP A 20 9.55 -16.75 13.32
CA ASP A 20 9.63 -16.81 11.88
C ASP A 20 9.02 -18.13 11.42
N ALA A 21 9.31 -18.58 10.21
CA ALA A 21 8.67 -19.79 9.67
C ALA A 21 9.08 -21.06 10.40
N ALA A 22 10.19 -20.99 11.13
CA ALA A 22 10.69 -22.08 11.97
C ALA A 22 10.38 -21.90 13.46
N GLY A 23 9.73 -20.80 13.83
CA GLY A 23 9.39 -20.54 15.21
C GLY A 23 10.48 -19.82 16.00
N ASP A 24 11.51 -19.34 15.31
CA ASP A 24 12.65 -18.63 15.94
C ASP A 24 12.45 -17.12 15.88
N SER A 25 12.88 -16.41 16.91
CA SER A 25 12.82 -14.94 16.89
C SER A 25 13.85 -14.36 15.92
N ARG A 26 13.58 -13.13 15.49
CA ARG A 26 14.46 -12.41 14.59
C ARG A 26 14.51 -10.97 15.02
N TYR A 27 15.68 -10.40 14.98
CA TYR A 27 15.75 -8.99 15.20
C TYR A 27 16.86 -8.39 14.38
N GLY A 28 16.79 -7.09 14.18
CA GLY A 28 17.69 -6.50 13.22
C GLY A 28 17.48 -5.04 12.98
N LEU A 29 18.17 -4.54 11.95
CA LEU A 29 18.04 -3.17 11.50
C LEU A 29 17.16 -3.25 10.26
N GLY A 30 16.03 -2.61 10.25
CA GLY A 30 15.13 -2.58 9.13
C GLY A 30 14.81 -1.17 8.69
N THR A 31 13.81 -1.06 7.82
CA THR A 31 13.47 0.22 7.21
C THR A 31 11.99 0.47 7.13
N SER A 32 11.65 1.74 6.96
CA SER A 32 10.34 2.10 6.43
C SER A 32 9.21 1.67 7.36
N GLY A 33 9.35 1.98 8.65
CA GLY A 33 8.34 1.63 9.63
C GLY A 33 7.20 2.62 9.75
N ALA A 34 7.48 3.91 9.49
CA ALA A 34 6.49 4.99 9.58
C ALA A 34 6.13 5.53 8.19
N SER A 35 7.10 5.71 7.31
CA SER A 35 6.88 6.05 5.90
C SER A 35 7.87 5.27 5.07
N THR A 36 7.49 4.92 3.86
CA THR A 36 8.46 4.26 2.99
C THR A 36 9.61 5.19 2.63
N SER A 37 10.82 4.70 2.88
CA SER A 37 12.02 5.44 2.52
C SER A 37 12.11 5.57 1.02
N ARG A 38 12.53 6.75 0.58
CA ARG A 38 12.51 7.05 -0.85
C ARG A 38 13.46 8.16 -1.21
N LEU A 39 13.73 8.24 -2.51
CA LEU A 39 14.54 9.31 -3.10
C LEU A 39 13.89 9.63 -4.45
N GLY A 40 13.63 10.90 -4.71
CA GLY A 40 12.95 11.28 -5.93
C GLY A 40 13.26 12.67 -6.41
N LEU A 41 12.86 12.89 -7.66
CA LEU A 41 12.95 14.18 -8.30
C LEU A 41 11.60 14.42 -8.94
N ARG A 42 11.09 15.63 -8.83
CA ARG A 42 9.84 16.00 -9.48
C ARG A 42 9.88 17.40 -9.96
N GLY A 43 9.11 17.69 -10.99
CA GLY A 43 9.07 19.04 -11.47
C GLY A 43 7.77 19.35 -12.13
N THR A 44 7.50 20.64 -12.23
CA THR A 44 6.31 21.13 -12.88
C THR A 44 6.72 22.31 -13.75
N GLU A 45 6.14 22.42 -14.93
CA GLU A 45 6.40 23.52 -15.82
C GLU A 45 5.04 24.14 -16.23
N ASP A 46 4.93 25.45 -16.08
CA ASP A 46 3.74 26.18 -16.54
C ASP A 46 3.85 26.39 -18.04
N LEU A 47 2.88 25.88 -18.81
CA LEU A 47 2.87 25.97 -20.26
C LEU A 47 2.02 27.11 -20.76
N GLY A 48 1.40 27.81 -19.84
CA GLY A 48 0.50 28.90 -20.19
C GLY A 48 -0.91 28.37 -20.33
N GLY A 49 -1.87 29.27 -20.23
CA GLY A 49 -3.25 28.92 -20.44
C GLY A 49 -3.78 27.93 -19.42
N GLY A 50 -3.20 27.90 -18.23
CA GLY A 50 -3.60 26.99 -17.17
C GLY A 50 -3.11 25.54 -17.32
N LEU A 51 -2.31 25.26 -18.35
CA LEU A 51 -1.80 23.91 -18.59
C LEU A 51 -0.41 23.78 -17.97
N LYS A 52 -0.14 22.63 -17.36
CA LYS A 52 1.15 22.37 -16.73
C LYS A 52 1.66 20.99 -17.17
N ALA A 53 2.96 20.88 -17.39
CA ALA A 53 3.60 19.60 -17.59
C ALA A 53 4.34 19.22 -16.34
N GLY A 54 4.43 17.95 -16.07
CA GLY A 54 5.14 17.49 -14.87
C GLY A 54 5.89 16.22 -15.15
N PHE A 55 6.84 15.93 -14.26
CA PHE A 55 7.44 14.61 -14.22
C PHE A 55 7.73 14.26 -12.77
N TRP A 56 7.90 12.97 -12.50
CA TRP A 56 8.15 12.51 -11.15
C TRP A 56 8.87 11.18 -11.23
N LEU A 57 10.06 11.12 -10.65
CA LEU A 57 10.90 9.91 -10.64
C LEU A 57 11.17 9.61 -9.17
N GLU A 58 10.77 8.43 -8.69
CA GLU A 58 10.95 8.09 -7.29
C GLU A 58 11.23 6.61 -7.11
N GLY A 59 12.21 6.34 -6.25
CA GLY A 59 12.57 4.99 -5.90
C GLY A 59 12.72 4.78 -4.41
N GLU A 60 12.55 3.52 -4.02
CA GLU A 60 12.67 3.17 -2.61
C GLU A 60 14.15 3.15 -2.20
N ILE A 61 14.37 3.56 -0.95
CA ILE A 61 15.65 3.49 -0.28
C ILE A 61 15.62 2.40 0.77
N PHE A 62 16.71 1.65 0.86
CA PHE A 62 16.93 0.61 1.84
C PHE A 62 18.19 0.93 2.62
N GLY A 63 18.04 1.71 3.69
CA GLY A 63 19.18 2.24 4.41
C GLY A 63 19.97 1.17 5.13
N ASP A 64 19.37 0.04 5.44
CA ASP A 64 20.11 -1.02 6.13
C ASP A 64 21.15 -1.74 5.27
N ASP A 65 20.99 -1.72 3.95
CA ASP A 65 21.93 -2.35 3.05
C ASP A 65 22.40 -1.51 1.88
N GLY A 66 22.17 -0.20 1.94
CA GLY A 66 22.64 0.68 0.88
C GLY A 66 22.08 0.40 -0.47
N ASN A 67 20.83 -0.05 -0.52
CA ASN A 67 20.21 -0.42 -1.80
C ASN A 67 21.09 -1.44 -2.53
N ALA A 68 21.46 -2.48 -1.83
CA ALA A 68 22.38 -3.49 -2.35
C ALA A 68 21.92 -4.12 -3.68
N SER A 69 20.61 -4.21 -3.86
CA SER A 69 20.13 -4.81 -5.13
C SER A 69 19.92 -3.79 -6.26
N GLY A 70 20.27 -2.54 -6.01
CA GLY A 70 20.38 -1.52 -7.02
C GLY A 70 19.20 -0.59 -6.97
N PHE A 71 19.44 0.70 -7.08
CA PHE A 71 18.45 1.78 -7.05
C PHE A 71 17.69 1.82 -8.38
N ASN A 72 16.39 2.08 -8.28
CA ASN A 72 15.54 2.22 -9.44
C ASN A 72 14.48 3.28 -9.16
N PHE A 73 13.57 3.46 -10.11
CA PHE A 73 12.48 4.42 -9.99
C PHE A 73 11.13 3.68 -9.96
N LYS A 74 11.07 2.54 -9.28
CA LYS A 74 9.87 1.70 -9.31
C LYS A 74 8.70 2.28 -8.53
N ARG A 75 8.91 3.25 -7.66
CA ARG A 75 7.77 3.80 -6.90
C ARG A 75 6.93 4.66 -7.84
N ARG A 76 7.55 5.46 -8.71
CA ARG A 76 6.79 6.29 -9.66
C ARG A 76 7.77 6.81 -10.71
N SER A 77 7.39 6.74 -11.98
CA SER A 77 8.23 7.28 -13.04
C SER A 77 7.34 7.83 -14.12
N THR A 78 6.71 8.97 -13.83
CA THR A 78 5.66 9.49 -14.70
C THR A 78 6.03 10.81 -15.35
N VAL A 79 5.31 11.07 -16.43
CA VAL A 79 5.22 12.37 -17.06
C VAL A 79 3.73 12.67 -17.19
N SER A 80 3.40 13.95 -17.05
CA SER A 80 1.99 14.31 -16.96
C SER A 80 1.65 15.63 -17.61
N LEU A 81 0.37 15.80 -17.85
CA LEU A 81 -0.22 17.10 -18.15
C LEU A 81 -1.38 17.31 -17.21
N SER A 82 -1.52 18.54 -16.74
CA SER A 82 -2.55 18.87 -15.78
C SER A 82 -3.08 20.25 -16.05
N GLY A 83 -4.27 20.48 -15.53
CA GLY A 83 -4.95 21.74 -15.78
C GLY A 83 -6.33 21.70 -15.18
N ASN A 84 -7.23 22.50 -15.74
CA ASN A 84 -8.57 22.57 -15.17
C ASN A 84 -9.39 21.29 -15.40
N PHE A 85 -8.92 20.44 -16.33
CA PHE A 85 -9.51 19.15 -16.63
C PHE A 85 -9.13 18.03 -15.64
N GLY A 86 -8.15 18.29 -14.77
CA GLY A 86 -7.60 17.26 -13.91
C GLY A 86 -6.14 17.00 -14.30
N GLU A 87 -5.79 15.73 -14.33
CA GLU A 87 -4.41 15.32 -14.59
C GLU A 87 -4.37 13.97 -15.27
N VAL A 88 -3.55 13.87 -16.31
CA VAL A 88 -3.25 12.63 -16.97
C VAL A 88 -1.78 12.31 -16.76
N ARG A 89 -1.49 11.09 -16.33
CA ARG A 89 -0.12 10.61 -16.10
C ARG A 89 0.19 9.37 -16.92
N LEU A 90 1.38 9.33 -17.48
CA LEU A 90 1.91 8.16 -18.17
C LEU A 90 3.13 7.64 -17.45
N GLY A 91 3.14 6.33 -17.19
CA GLY A 91 4.29 5.69 -16.58
C GLY A 91 3.94 4.88 -15.34
N ARG A 92 4.92 4.12 -14.86
CA ARG A 92 4.73 3.34 -13.68
C ARG A 92 4.35 4.21 -12.47
N ASP A 93 3.36 3.76 -11.72
CA ASP A 93 2.87 4.50 -10.57
C ASP A 93 1.98 3.59 -9.78
N LEU A 94 1.61 4.07 -8.60
CA LEU A 94 0.42 3.53 -7.94
C LEU A 94 -0.78 3.55 -8.87
N VAL A 95 -1.52 2.45 -8.90
CA VAL A 95 -2.78 2.47 -9.66
C VAL A 95 -3.82 3.28 -8.87
N PRO A 96 -4.84 3.82 -9.54
CA PRO A 96 -5.77 4.72 -8.83
C PRO A 96 -6.44 4.09 -7.63
N THR A 97 -6.78 2.80 -7.72
CA THR A 97 -7.47 2.13 -6.61
C THR A 97 -6.59 2.06 -5.36
N SER A 98 -5.31 1.72 -5.50
CA SER A 98 -4.45 1.68 -4.34
C SER A 98 -4.09 3.08 -3.85
N GLN A 99 -3.83 4.00 -4.77
CA GLN A 99 -3.48 5.37 -4.40
C GLN A 99 -4.54 5.98 -3.49
N LYS A 100 -5.80 5.76 -3.84
CA LYS A 100 -6.86 6.39 -3.08
C LYS A 100 -7.22 5.59 -1.84
N LEU A 101 -7.32 4.28 -1.95
CA LEU A 101 -7.86 3.49 -0.85
C LEU A 101 -6.83 3.24 0.26
N THR A 102 -5.54 3.22 -0.06
CA THR A 102 -4.54 3.05 1.01
C THR A 102 -4.51 4.27 1.94
N SER A 103 -5.09 5.40 1.52
CA SER A 103 -5.16 6.58 2.38
C SER A 103 -5.97 6.35 3.69
N TYR A 104 -6.79 5.31 3.74
CA TYR A 104 -7.60 4.97 4.92
C TYR A 104 -6.85 4.14 5.96
N ASP A 105 -5.67 3.64 5.60
CA ASP A 105 -4.81 2.91 6.50
C ASP A 105 -4.02 3.90 7.35
N LEU A 106 -4.17 3.85 8.66
CA LEU A 106 -3.50 4.80 9.53
C LEU A 106 -2.00 4.62 9.62
N PHE A 107 -1.53 3.46 9.17
CA PHE A 107 -0.10 3.11 9.16
C PHE A 107 0.46 3.20 7.76
N SER A 108 -0.34 3.71 6.84
CA SER A 108 0.18 4.19 5.53
C SER A 108 0.82 3.09 4.71
N ALA A 109 0.24 1.89 4.80
CA ALA A 109 0.61 0.77 3.97
C ALA A 109 2.09 0.47 4.13
N THR A 110 2.67 0.75 5.29
CA THR A 110 4.06 0.36 5.53
C THR A 110 4.26 -0.01 7.00
N GLY A 111 5.41 -0.61 7.30
CA GLY A 111 5.71 -1.02 8.65
C GLY A 111 5.09 -2.36 8.99
N ILE A 112 5.18 -2.77 10.25
CA ILE A 112 4.40 -3.98 10.73
C ILE A 112 2.87 -3.72 10.93
N GLY A 113 2.49 -2.50 11.08
CA GLY A 113 1.11 -2.23 11.41
C GLY A 113 0.05 -2.25 10.34
N PRO A 114 0.35 -2.26 9.04
CA PRO A 114 -0.60 -1.73 8.10
C PRO A 114 -1.62 -2.78 7.69
N PHE A 115 -2.63 -2.28 7.05
CA PHE A 115 -3.63 -3.12 6.38
C PHE A 115 -2.93 -3.97 5.32
N MET A 116 -3.24 -5.26 5.30
CA MET A 116 -2.58 -6.21 4.37
C MET A 116 -3.44 -6.58 3.17
N GLY A 117 -4.59 -5.94 2.99
CA GLY A 117 -5.48 -6.33 1.90
C GLY A 117 -4.82 -6.32 0.49
N PHE A 118 -3.98 -5.32 0.24
CA PHE A 118 -3.27 -5.20 -1.04
C PHE A 118 -2.05 -6.11 -0.97
N ARG A 119 -2.28 -7.40 -1.20
CA ARG A 119 -1.21 -8.39 -1.19
C ARG A 119 -1.55 -9.50 -2.20
N ASN A 120 -0.56 -10.28 -2.55
CA ASN A 120 -0.71 -11.38 -3.50
C ASN A 120 -1.21 -12.64 -2.78
N TRP A 121 -2.51 -12.65 -2.56
CA TRP A 121 -3.16 -13.69 -1.80
C TRP A 121 -3.07 -15.08 -2.43
N ALA A 122 -2.93 -15.11 -3.77
CA ALA A 122 -3.01 -16.36 -4.54
C ALA A 122 -1.71 -16.82 -5.12
N ALA A 123 -0.62 -16.17 -4.73
CA ALA A 123 0.67 -16.41 -5.41
C ALA A 123 0.55 -16.29 -6.94
N GLY A 124 -0.16 -15.25 -7.37
CA GLY A 124 -0.13 -14.85 -8.77
C GLY A 124 1.27 -14.60 -9.26
N GLN A 125 1.46 -14.82 -10.55
CA GLN A 125 2.77 -14.79 -11.20
C GLN A 125 3.11 -13.46 -11.91
N GLY A 126 2.21 -12.49 -11.81
CA GLY A 126 2.42 -11.16 -12.37
C GLY A 126 3.41 -10.35 -11.56
N ALA A 127 3.86 -9.24 -12.12
CA ALA A 127 4.85 -8.37 -11.46
C ALA A 127 4.25 -7.65 -10.25
N ASP A 128 2.94 -7.38 -10.31
CA ASP A 128 2.30 -6.51 -9.32
C ASP A 128 0.94 -7.10 -8.88
N ASP A 129 0.99 -8.36 -8.48
CA ASP A 129 -0.24 -9.04 -8.01
C ASP A 129 -0.62 -8.72 -6.60
N ASN A 130 0.06 -7.74 -5.99
CA ASN A 130 -0.46 -7.12 -4.78
C ASN A 130 -1.45 -5.96 -5.06
N GLY A 131 -1.66 -5.64 -6.33
CA GLY A 131 -2.62 -4.62 -6.70
C GLY A 131 -2.22 -3.20 -6.37
N ILE A 132 -0.92 -2.96 -6.11
CA ILE A 132 -0.49 -1.64 -5.65
C ILE A 132 -0.01 -0.71 -6.82
N ARG A 133 0.94 -1.16 -7.63
CA ARG A 133 1.43 -0.39 -8.74
C ARG A 133 1.26 -1.17 -10.06
N ALA A 134 1.43 -0.50 -11.18
CA ALA A 134 1.45 -1.13 -12.48
C ALA A 134 2.48 -0.51 -13.40
N ASN A 135 3.16 -1.37 -14.17
CA ASN A 135 3.89 -0.93 -15.36
C ASN A 135 2.92 -0.51 -16.45
N ASN A 136 3.40 0.33 -17.34
CA ASN A 136 2.68 0.62 -18.61
C ASN A 136 1.32 1.23 -18.34
N LEU A 137 1.28 2.08 -17.32
CA LEU A 137 0.03 2.67 -16.82
C LEU A 137 -0.28 4.08 -17.39
N ILE A 138 -1.54 4.28 -17.74
CA ILE A 138 -2.07 5.60 -18.03
C ILE A 138 -3.18 5.85 -17.05
N SER A 139 -3.11 6.99 -16.35
CA SER A 139 -4.18 7.32 -15.41
C SER A 139 -4.72 8.70 -15.64
N TYR A 140 -5.97 8.86 -15.27
CA TYR A 140 -6.67 10.14 -15.34
C TYR A 140 -7.33 10.38 -13.99
N TYR A 141 -7.06 11.54 -13.41
CA TYR A 141 -7.63 12.01 -12.15
C TYR A 141 -8.43 13.28 -12.41
N THR A 142 -9.69 13.26 -12.02
CA THR A 142 -10.53 14.44 -12.17
C THR A 142 -10.19 15.48 -11.14
N PRO A 143 -10.62 16.72 -11.37
CA PRO A 143 -10.65 17.68 -10.28
C PRO A 143 -11.63 17.21 -9.18
N ASN A 144 -11.54 17.86 -8.04
CA ASN A 144 -12.54 17.69 -6.98
C ASN A 144 -13.57 18.82 -7.18
N PHE A 145 -14.81 18.45 -7.47
CA PHE A 145 -15.93 19.40 -7.63
C PHE A 145 -16.95 19.12 -6.56
N GLY A 146 -17.08 20.06 -5.63
CA GLY A 146 -18.05 19.95 -4.58
C GLY A 146 -17.83 18.75 -3.69
N GLY A 147 -16.57 18.30 -3.57
CA GLY A 147 -16.20 17.11 -2.81
C GLY A 147 -16.01 15.86 -3.66
N PHE A 148 -16.70 15.77 -4.79
CA PHE A 148 -16.68 14.58 -5.62
C PHE A 148 -15.45 14.53 -6.48
N ASN A 149 -14.87 13.34 -6.56
CA ASN A 149 -13.63 13.19 -7.32
C ASN A 149 -13.50 11.73 -7.76
N ALA A 150 -12.77 11.51 -8.84
CA ALA A 150 -12.62 10.15 -9.37
C ALA A 150 -11.28 9.98 -10.03
N GLY A 151 -10.91 8.72 -10.19
CA GLY A 151 -9.65 8.36 -10.84
C GLY A 151 -9.81 7.06 -11.61
N PHE A 152 -9.11 6.96 -12.74
CA PHE A 152 -9.25 5.85 -13.66
C PHE A 152 -7.88 5.51 -14.24
N GLY A 153 -7.63 4.21 -14.41
CA GLY A 153 -6.36 3.77 -14.96
C GLY A 153 -6.51 2.57 -15.85
N TYR A 154 -5.62 2.49 -16.82
CA TYR A 154 -5.47 1.37 -17.74
C TYR A 154 -3.97 1.09 -17.86
N ALA A 155 -3.58 -0.14 -17.63
CA ALA A 155 -2.19 -0.54 -17.85
C ALA A 155 -2.19 -1.62 -18.91
N PHE A 156 -1.35 -1.42 -19.92
CA PHE A 156 -1.20 -2.36 -20.99
C PHE A 156 -0.43 -3.63 -20.59
N ASP A 157 -0.92 -4.77 -21.03
CA ASP A 157 -0.24 -6.04 -20.83
C ASP A 157 0.92 -6.27 -21.77
N GLU A 158 0.81 -5.71 -22.96
CA GLU A 158 1.87 -5.85 -23.97
C GLU A 158 2.15 -7.31 -24.34
N LYS A 159 1.11 -8.11 -24.22
CA LYS A 159 1.15 -9.54 -24.58
C LYS A 159 2.12 -10.33 -23.70
N GLN A 160 2.39 -9.86 -22.50
CA GLN A 160 3.17 -10.63 -21.55
C GLN A 160 2.46 -11.99 -21.35
N THR A 161 3.20 -13.07 -21.51
CA THR A 161 2.64 -14.39 -21.53
C THR A 161 3.27 -15.28 -20.49
N ILE A 162 2.42 -15.87 -19.65
CA ILE A 162 2.82 -16.88 -18.67
C ILE A 162 1.79 -18.00 -18.81
N GLY A 163 2.26 -19.15 -19.25
CA GLY A 163 1.38 -20.29 -19.43
C GLY A 163 0.23 -19.94 -20.36
N THR A 164 -1.02 -20.14 -19.92
CA THR A 164 -2.17 -19.86 -20.78
C THR A 164 -2.65 -18.41 -20.73
N ALA A 165 -1.99 -17.57 -19.93
CA ALA A 165 -2.31 -16.15 -19.86
C ALA A 165 -1.42 -15.38 -20.84
N ASP A 166 -2.03 -14.69 -21.81
CA ASP A 166 -1.31 -13.87 -22.78
C ASP A 166 -1.57 -12.38 -22.64
N SER A 167 -2.06 -11.98 -21.47
CA SER A 167 -2.27 -10.58 -21.17
C SER A 167 -1.90 -10.24 -19.73
N VAL A 168 -0.86 -10.92 -19.24
CA VAL A 168 -0.42 -10.74 -17.86
C VAL A 168 -0.04 -9.27 -17.62
N GLY A 169 -0.51 -8.70 -16.52
CA GLY A 169 -0.18 -7.35 -16.13
C GLY A 169 -1.17 -6.30 -16.52
N ARG A 170 -2.15 -6.64 -17.34
CA ARG A 170 -3.20 -5.69 -17.66
C ARG A 170 -3.89 -5.24 -16.37
N TYR A 171 -4.18 -3.96 -16.29
CA TYR A 171 -4.97 -3.35 -15.21
C TYR A 171 -6.05 -2.50 -15.81
N ILE A 172 -7.25 -2.65 -15.29
CA ILE A 172 -8.33 -1.70 -15.60
C ILE A 172 -9.04 -1.41 -14.28
N GLY A 173 -9.17 -0.16 -13.90
CA GLY A 173 -9.74 0.10 -12.60
C GLY A 173 -9.90 1.56 -12.34
N GLY A 174 -10.59 1.87 -11.25
CA GLY A 174 -10.82 3.23 -10.90
C GLY A 174 -11.61 3.34 -9.61
N TYR A 175 -11.86 4.59 -9.23
CA TYR A 175 -12.62 4.86 -8.04
C TYR A 175 -13.49 6.10 -8.22
N VAL A 176 -14.54 6.14 -7.42
CA VAL A 176 -15.29 7.35 -7.16
C VAL A 176 -15.20 7.65 -5.65
N ALA A 177 -15.19 8.93 -5.32
CA ALA A 177 -14.99 9.36 -3.95
C ALA A 177 -15.63 10.70 -3.66
N TYR A 178 -15.80 10.94 -2.37
CA TYR A 178 -16.22 12.22 -1.83
C TYR A 178 -15.18 12.60 -0.75
N ASP A 179 -14.60 13.79 -0.89
CA ASP A 179 -13.61 14.30 0.04
C ASP A 179 -13.87 15.77 0.23
N ASN A 180 -14.24 16.15 1.45
CA ASN A 180 -14.49 17.54 1.77
C ASN A 180 -13.56 18.17 2.81
N GLY A 181 -12.48 17.47 3.15
CA GLY A 181 -11.62 17.83 4.27
C GLY A 181 -11.78 16.83 5.41
N PRO A 182 -12.73 17.04 6.32
CA PRO A 182 -12.91 16.11 7.45
C PRO A 182 -13.44 14.73 7.07
N LEU A 183 -14.28 14.69 6.04
CA LEU A 183 -14.93 13.46 5.61
C LEU A 183 -14.34 12.98 4.28
N SER A 184 -14.09 11.68 4.24
CA SER A 184 -13.58 11.02 3.04
C SER A 184 -14.24 9.67 2.90
N ALA A 185 -14.72 9.36 1.70
CA ALA A 185 -15.21 8.02 1.42
C ALA A 185 -14.92 7.69 -0.05
N SER A 186 -14.58 6.45 -0.31
CA SER A 186 -14.20 6.04 -1.65
C SER A 186 -14.60 4.62 -1.93
N LEU A 187 -14.98 4.36 -3.18
CA LEU A 187 -15.26 3.03 -3.68
C LEU A 187 -14.37 2.78 -4.89
N GLY A 188 -13.54 1.72 -4.80
CA GLY A 188 -12.64 1.33 -5.85
C GLY A 188 -13.00 -0.04 -6.42
N LEU A 189 -12.80 -0.18 -7.72
CA LEU A 189 -13.02 -1.44 -8.42
C LEU A 189 -11.88 -1.62 -9.45
N ALA A 190 -11.32 -2.82 -9.48
CA ALA A 190 -10.24 -3.10 -10.42
C ALA A 190 -10.19 -4.56 -10.84
N GLN A 191 -9.70 -4.77 -12.02
CA GLN A 191 -9.38 -6.11 -12.51
C GLN A 191 -7.96 -6.11 -13.10
N GLN A 192 -7.17 -7.09 -12.68
CA GLN A 192 -5.87 -7.37 -13.32
C GLN A 192 -5.91 -8.73 -13.97
N LYS A 193 -5.16 -8.88 -15.05
CA LYS A 193 -4.94 -10.18 -15.65
C LYS A 193 -3.65 -10.77 -15.08
N THR A 194 -3.69 -12.05 -14.73
CA THR A 194 -2.53 -12.74 -14.23
C THR A 194 -2.55 -14.21 -14.55
N ALA A 195 -1.68 -14.95 -13.88
CA ALA A 195 -1.67 -16.41 -13.94
C ALA A 195 -1.38 -16.94 -12.56
N VAL A 196 -1.92 -18.12 -12.25
CA VAL A 196 -1.59 -18.82 -11.02
C VAL A 196 -1.27 -20.23 -11.44
N GLY A 197 -0.08 -20.70 -11.07
CA GLY A 197 0.37 -22.00 -11.53
C GLY A 197 0.39 -22.20 -13.05
N GLY A 198 0.61 -21.13 -13.81
CA GLY A 198 0.61 -21.16 -15.25
C GLY A 198 -0.75 -21.13 -15.92
N LEU A 199 -1.81 -20.90 -15.15
CA LEU A 199 -3.19 -20.87 -15.68
C LEU A 199 -3.77 -19.46 -15.55
N ALA A 200 -4.35 -18.97 -16.65
CA ALA A 200 -4.88 -17.61 -16.74
C ALA A 200 -5.91 -17.40 -15.63
N THR A 201 -5.83 -16.25 -14.99
CA THR A 201 -6.59 -15.92 -13.78
C THR A 201 -6.84 -14.41 -13.76
N ASP A 202 -8.06 -14.02 -13.45
CA ASP A 202 -8.38 -12.62 -13.20
C ASP A 202 -8.21 -12.32 -11.72
N ARG A 203 -7.63 -11.18 -11.41
CA ARG A 203 -7.55 -10.67 -10.06
C ARG A 203 -8.56 -9.52 -9.98
N ASP A 204 -9.66 -9.78 -9.27
CA ASP A 204 -10.76 -8.82 -9.12
C ASP A 204 -10.71 -8.24 -7.71
N GLU A 205 -10.86 -6.94 -7.56
CA GLU A 205 -10.75 -6.30 -6.27
C GLU A 205 -11.79 -5.20 -6.16
N ILE A 206 -12.57 -5.25 -5.09
CA ILE A 206 -13.53 -4.21 -4.76
C ILE A 206 -13.18 -3.72 -3.36
N THR A 207 -13.08 -2.41 -3.20
CA THR A 207 -12.62 -1.81 -1.97
C THR A 207 -13.48 -0.61 -1.58
N LEU A 208 -13.91 -0.55 -0.33
CA LEU A 208 -14.67 0.58 0.20
C LEU A 208 -13.96 1.13 1.40
N GLY A 209 -13.73 2.45 1.45
CA GLY A 209 -13.08 3.05 2.59
C GLY A 209 -13.78 4.33 3.00
N ALA A 210 -13.71 4.65 4.28
CA ALA A 210 -14.28 5.91 4.79
C ALA A 210 -13.53 6.36 6.01
N SER A 211 -13.50 7.66 6.24
CA SER A 211 -12.89 8.19 7.44
C SER A 211 -13.51 9.53 7.80
N TYR A 212 -13.42 9.86 9.08
CA TYR A 212 -13.82 11.18 9.54
C TYR A 212 -12.83 11.68 10.53
N ASN A 213 -12.34 12.89 10.28
CA ASN A 213 -11.37 13.55 11.15
C ASN A 213 -12.09 14.58 12.01
N PHE A 214 -12.27 14.23 13.29
CA PHE A 214 -12.93 15.10 14.27
C PHE A 214 -11.95 16.14 14.83
N GLY A 215 -10.68 16.14 14.44
CA GLY A 215 -9.68 17.07 15.00
C GLY A 215 -8.99 16.46 16.20
N VAL A 216 -9.76 16.25 17.25
CA VAL A 216 -9.27 15.57 18.45
C VAL A 216 -8.91 14.08 18.19
N ALA A 217 -9.51 13.49 17.16
CA ALA A 217 -9.23 12.11 16.76
C ALA A 217 -9.75 11.87 15.37
N LYS A 218 -9.27 10.81 14.73
CA LYS A 218 -9.74 10.41 13.40
C LYS A 218 -10.13 8.94 13.45
N LEU A 219 -11.24 8.60 12.83
CA LEU A 219 -11.70 7.22 12.71
C LEU A 219 -11.65 6.86 11.23
N SER A 220 -11.20 5.64 10.93
CA SER A 220 -11.02 5.22 9.55
C SER A 220 -11.32 3.73 9.41
N GLY A 221 -11.97 3.33 8.33
CA GLY A 221 -12.32 1.95 8.07
C GLY A 221 -12.17 1.60 6.58
N LEU A 222 -11.96 0.31 6.32
CA LEU A 222 -11.72 -0.20 4.95
C LEU A 222 -12.33 -1.62 4.94
N LEU A 223 -13.05 -1.94 3.86
CA LEU A 223 -13.49 -3.30 3.54
C LEU A 223 -13.00 -3.62 2.13
N GLN A 224 -12.57 -4.85 1.91
CA GLN A 224 -12.08 -5.23 0.61
C GLN A 224 -12.32 -6.69 0.35
N GLN A 225 -12.76 -7.00 -0.87
CA GLN A 225 -12.79 -8.38 -1.35
C GLN A 225 -11.88 -8.49 -2.54
N THR A 226 -10.94 -9.43 -2.45
CA THR A 226 -10.02 -9.72 -3.54
C THR A 226 -10.27 -11.16 -3.98
N LYS A 227 -10.57 -11.35 -5.25
CA LYS A 227 -10.84 -12.68 -5.77
C LYS A 227 -9.91 -12.96 -6.94
N PHE A 228 -9.10 -14.00 -6.85
CA PHE A 228 -8.38 -14.51 -7.99
C PHE A 228 -9.22 -15.64 -8.59
N LYS A 229 -9.83 -15.36 -9.72
CA LYS A 229 -10.78 -16.25 -10.39
C LYS A 229 -10.10 -16.86 -11.61
N ARG A 230 -9.84 -18.16 -11.56
CA ARG A 230 -9.11 -18.84 -12.61
C ARG A 230 -10.05 -19.16 -13.74
N ASP A 231 -9.61 -18.93 -14.99
CA ASP A 231 -10.48 -19.09 -16.17
C ASP A 231 -11.10 -20.50 -16.24
N ILE A 232 -10.33 -21.53 -15.95
CA ILE A 232 -10.85 -22.91 -16.05
C ILE A 232 -11.77 -23.29 -14.90
N GLY A 233 -11.86 -22.41 -13.90
CA GLY A 233 -12.63 -22.69 -12.71
C GLY A 233 -11.77 -22.61 -11.46
N GLY A 234 -12.42 -22.30 -10.33
CA GLY A 234 -11.74 -22.18 -9.06
C GLY A 234 -11.39 -20.74 -8.73
N ASP A 235 -11.31 -20.46 -7.44
CA ASP A 235 -11.03 -19.12 -6.98
C ASP A 235 -10.37 -19.09 -5.61
N ILE A 236 -9.49 -18.12 -5.43
CA ILE A 236 -8.89 -17.82 -4.14
C ILE A 236 -9.43 -16.46 -3.76
N LYS A 237 -10.36 -16.45 -2.80
CA LYS A 237 -11.10 -15.27 -2.40
C LYS A 237 -10.70 -14.92 -0.97
N THR A 238 -10.49 -13.63 -0.73
CA THR A 238 -10.15 -13.14 0.57
C THR A 238 -10.94 -11.87 0.85
N ASN A 239 -11.60 -11.83 2.02
CA ASN A 239 -12.28 -10.65 2.51
C ASN A 239 -11.41 -10.04 3.61
N SER A 240 -11.12 -8.75 3.48
CA SER A 240 -10.22 -8.05 4.41
C SER A 240 -10.93 -6.84 4.99
N TYR A 241 -10.79 -6.64 6.29
CA TYR A 241 -11.52 -5.60 7.01
C TYR A 241 -10.56 -4.87 7.94
N MET A 242 -10.73 -3.56 8.11
CA MET A 242 -9.88 -2.80 9.04
C MET A 242 -10.68 -1.65 9.62
N LEU A 243 -10.41 -1.38 10.90
CA LEU A 243 -10.94 -0.22 11.61
C LEU A 243 -9.82 0.31 12.46
N GLY A 244 -9.62 1.62 12.38
CA GLY A 244 -8.61 2.27 13.17
C GLY A 244 -8.98 3.65 13.64
N ALA A 245 -8.21 4.11 14.61
CA ALA A 245 -8.33 5.46 15.12
C ALA A 245 -6.95 6.04 15.41
N SER A 246 -6.85 7.35 15.27
CA SER A 246 -5.64 8.05 15.64
C SER A 246 -6.04 9.32 16.39
N ALA A 247 -5.09 9.86 17.14
CA ALA A 247 -5.31 11.09 17.88
C ALA A 247 -3.99 11.81 18.14
N PRO A 248 -3.97 13.13 18.02
CA PRO A 248 -2.83 13.90 18.53
C PRO A 248 -2.73 13.78 20.05
N VAL A 249 -1.48 13.71 20.51
CA VAL A 249 -1.13 13.66 21.92
C VAL A 249 -0.13 14.78 22.16
N GLY A 250 -0.55 15.78 22.94
CA GLY A 250 0.32 16.83 23.43
C GLY A 250 1.13 17.68 22.50
N GLY A 251 0.61 18.15 21.38
CA GLY A 251 1.41 19.11 20.60
C GLY A 251 2.43 18.57 19.61
N VAL A 252 3.14 17.49 19.92
CA VAL A 252 4.07 16.89 18.94
C VAL A 252 3.94 15.36 18.75
N GLY A 253 2.97 14.75 19.42
CA GLY A 253 2.77 13.31 19.36
C GLY A 253 1.50 12.90 18.64
N GLU A 254 1.45 11.63 18.29
CA GLU A 254 0.27 11.04 17.67
C GLU A 254 0.24 9.56 18.06
N VAL A 255 -0.92 9.09 18.50
CA VAL A 255 -1.13 7.69 18.80
C VAL A 255 -2.08 7.12 17.76
N LYS A 256 -1.86 5.86 17.40
CA LYS A 256 -2.66 5.16 16.40
C LYS A 256 -2.95 3.74 16.84
N LEU A 257 -4.17 3.28 16.58
CA LEU A 257 -4.59 1.94 16.90
C LEU A 257 -5.43 1.40 15.73
N GLN A 258 -5.09 0.20 15.27
CA GLN A 258 -5.80 -0.37 14.14
C GLN A 258 -6.01 -1.84 14.33
N TYR A 259 -7.22 -2.29 14.00
CA TYR A 259 -7.59 -3.70 14.02
C TYR A 259 -7.90 -4.14 12.61
N ALA A 260 -7.47 -5.34 12.24
CA ALA A 260 -7.78 -5.90 10.93
C ALA A 260 -8.10 -7.39 11.03
N LEU A 261 -8.91 -7.83 10.10
CA LEU A 261 -9.28 -9.23 9.97
C LEU A 261 -9.13 -9.63 8.49
N TYR A 262 -8.54 -10.81 8.25
CA TYR A 262 -8.34 -11.37 6.94
C TYR A 262 -8.98 -12.75 6.91
N ASP A 263 -10.05 -12.84 6.14
CA ASP A 263 -10.83 -14.05 5.99
C ASP A 263 -10.47 -14.72 4.67
N GLN A 264 -9.62 -15.73 4.78
CA GLN A 264 -8.97 -16.38 3.66
C GLN A 264 -9.77 -17.62 3.27
N LYS A 265 -10.69 -17.45 2.34
CA LYS A 265 -11.67 -18.51 2.04
C LYS A 265 -11.07 -19.76 1.49
N ALA A 266 -9.97 -19.65 0.76
CA ALA A 266 -9.42 -20.82 0.11
C ALA A 266 -8.83 -21.80 1.11
N ILE A 267 -8.47 -21.35 2.30
CA ILE A 267 -7.96 -22.22 3.35
C ILE A 267 -8.90 -22.24 4.58
N ASP A 268 -10.11 -21.70 4.43
CA ASP A 268 -11.11 -21.59 5.51
C ASP A 268 -10.47 -21.12 6.81
N SER A 269 -9.69 -20.05 6.76
CA SER A 269 -8.97 -19.58 7.94
C SER A 269 -8.97 -18.07 8.02
N LYS A 270 -9.03 -17.57 9.24
CA LYS A 270 -8.98 -16.17 9.53
C LYS A 270 -7.69 -15.81 10.25
N ALA A 271 -7.26 -14.56 10.07
CA ALA A 271 -6.17 -13.98 10.87
C ALA A 271 -6.69 -12.63 11.37
N HIS A 272 -6.35 -12.29 12.60
CA HIS A 272 -6.72 -11.03 13.22
C HIS A 272 -5.44 -10.30 13.59
N GLN A 273 -5.47 -8.98 13.52
CA GLN A 273 -4.29 -8.18 13.81
C GLN A 273 -4.66 -6.95 14.59
N ILE A 274 -3.83 -6.61 15.56
CA ILE A 274 -3.94 -5.35 16.29
C ILE A 274 -2.56 -4.69 16.28
N THR A 275 -2.55 -3.40 15.96
CA THR A 275 -1.34 -2.61 15.96
C THR A 275 -1.54 -1.31 16.70
N LEU A 276 -0.61 -1.03 17.61
CA LEU A 276 -0.51 0.24 18.30
C LEU A 276 0.74 0.98 17.82
N GLY A 277 0.61 2.25 17.52
CA GLY A 277 1.74 3.06 17.09
C GLY A 277 1.81 4.42 17.76
N TYR A 278 3.01 4.96 17.84
CA TYR A 278 3.22 6.29 18.35
C TYR A 278 4.24 6.97 17.44
N VAL A 279 4.00 8.24 17.13
CA VAL A 279 4.93 9.07 16.40
C VAL A 279 5.19 10.32 17.21
N HIS A 280 6.46 10.62 17.44
CA HIS A 280 6.86 11.79 18.20
C HIS A 280 7.67 12.69 17.27
N ASN A 281 7.12 13.85 16.92
CA ASN A 281 7.83 14.76 16.03
C ASN A 281 8.90 15.58 16.75
N LEU A 282 10.11 15.49 16.26
CA LEU A 282 11.19 16.37 16.74
C LEU A 282 11.20 17.67 15.95
N SER A 283 10.64 17.59 14.75
CA SER A 283 10.43 18.74 13.89
C SER A 283 9.39 18.32 12.88
N LYS A 284 9.03 19.21 11.96
CA LYS A 284 8.11 18.86 10.89
C LYS A 284 8.67 17.75 9.99
N ARG A 285 10.00 17.66 9.84
CA ARG A 285 10.61 16.69 8.95
C ARG A 285 11.20 15.47 9.63
N THR A 286 11.40 15.52 10.95
CA THR A 286 12.06 14.42 11.66
C THR A 286 11.18 13.89 12.81
N ALA A 287 10.93 12.60 12.83
CA ALA A 287 10.13 11.97 13.89
C ALA A 287 10.78 10.70 14.37
N LEU A 288 10.58 10.42 15.65
CA LEU A 288 10.84 9.11 16.23
C LEU A 288 9.51 8.36 16.27
N TYR A 289 9.55 7.04 16.17
CA TYR A 289 8.32 6.29 16.18
C TYR A 289 8.50 4.91 16.74
N GLY A 290 7.38 4.34 17.17
CA GLY A 290 7.31 2.95 17.58
C GLY A 290 6.02 2.31 17.16
N ASN A 291 6.13 1.07 16.71
CA ASN A 291 5.00 0.23 16.33
C ASN A 291 5.06 -1.07 17.11
N LEU A 292 3.92 -1.50 17.64
CA LEU A 292 3.78 -2.76 18.34
C LEU A 292 2.62 -3.49 17.71
N ALA A 293 2.82 -4.70 17.26
CA ALA A 293 1.75 -5.44 16.59
C ALA A 293 1.63 -6.87 17.05
N PHE A 294 0.41 -7.37 16.97
CA PHE A 294 0.08 -8.74 17.34
C PHE A 294 -0.78 -9.29 16.24
N LEU A 295 -0.37 -10.40 15.66
CA LEU A 295 -1.04 -11.04 14.56
C LEU A 295 -1.37 -12.48 14.99
N LYS A 296 -2.66 -12.79 15.02
CA LYS A 296 -3.14 -14.10 15.43
C LYS A 296 -3.70 -14.84 14.24
N ASN A 297 -2.99 -15.87 13.80
CA ASN A 297 -3.46 -16.75 12.76
C ASN A 297 -4.31 -17.85 13.39
N LYS A 298 -5.42 -18.17 12.75
CA LYS A 298 -6.22 -19.34 13.12
C LYS A 298 -6.05 -20.43 12.07
N ASP A 299 -6.19 -21.68 12.52
CA ASP A 299 -6.28 -22.82 11.62
C ASP A 299 -5.09 -22.92 10.66
N ALA A 300 -5.32 -22.79 9.36
CA ALA A 300 -4.26 -22.97 8.38
C ALA A 300 -3.53 -21.67 7.99
N SER A 301 -3.96 -20.56 8.53
CA SER A 301 -3.37 -19.26 8.20
C SER A 301 -1.94 -19.16 8.71
N THR A 302 -1.10 -18.56 7.89
CA THR A 302 0.35 -18.46 8.11
C THR A 302 0.90 -17.05 7.88
N LEU A 303 0.05 -16.04 8.00
CA LEU A 303 0.47 -14.66 7.77
C LEU A 303 1.49 -14.18 8.77
N GLY A 304 2.41 -13.39 8.28
CA GLY A 304 3.42 -12.76 9.12
C GLY A 304 3.44 -11.25 9.00
N LEU A 305 3.91 -10.63 10.06
CA LEU A 305 4.09 -9.19 10.09
C LEU A 305 5.22 -8.76 9.14
N GLN A 306 5.12 -7.55 8.65
CA GLN A 306 6.04 -7.10 7.59
C GLN A 306 7.13 -6.18 8.16
N ALA A 307 8.10 -6.77 8.87
CA ALA A 307 9.22 -6.00 9.43
C ALA A 307 10.29 -5.89 8.34
N LYS A 308 10.13 -4.92 7.43
CA LYS A 308 10.96 -4.81 6.24
C LYS A 308 12.42 -4.67 6.66
N GLY A 309 13.26 -5.48 6.03
CA GLY A 309 14.70 -5.50 6.30
C GLY A 309 15.07 -6.37 7.47
N VAL A 310 14.08 -6.97 8.14
CA VAL A 310 14.38 -7.88 9.24
C VAL A 310 13.76 -9.24 8.99
N TYR A 311 12.43 -9.29 8.95
CA TYR A 311 11.74 -10.52 8.60
C TYR A 311 10.32 -10.14 8.16
N ALA A 312 9.93 -10.60 6.98
CA ALA A 312 8.60 -10.34 6.45
C ALA A 312 7.99 -11.60 5.82
N GLY A 313 8.48 -12.77 6.23
CA GLY A 313 7.93 -14.03 5.78
C GLY A 313 6.75 -14.46 6.63
N GLY A 314 6.35 -15.69 6.41
CA GLY A 314 5.24 -16.27 7.12
C GLY A 314 5.63 -16.88 8.45
N VAL A 315 4.62 -17.39 9.14
CA VAL A 315 4.82 -18.15 10.35
C VAL A 315 4.15 -19.51 10.22
N GLN A 316 4.38 -20.40 11.18
CA GLN A 316 3.72 -21.70 11.13
C GLN A 316 2.19 -21.54 11.28
N ALA A 317 1.47 -22.48 10.70
CA ALA A 317 0.01 -22.44 10.71
C ALA A 317 -0.54 -22.27 12.11
N GLY A 318 -1.43 -21.31 12.26
CA GLY A 318 -2.15 -21.10 13.49
C GLY A 318 -1.40 -20.44 14.61
N GLU A 319 -0.20 -19.93 14.29
CA GLU A 319 0.62 -19.27 15.28
C GLU A 319 0.30 -17.80 15.41
N SER A 320 0.49 -17.26 16.60
CA SER A 320 0.39 -15.84 16.83
C SER A 320 1.82 -15.31 16.79
N GLN A 321 1.98 -14.11 16.28
CA GLN A 321 3.28 -13.46 16.20
C GLN A 321 3.18 -12.04 16.75
N THR A 322 4.21 -11.64 17.50
CA THR A 322 4.33 -10.31 18.01
C THR A 322 5.51 -9.63 17.35
N GLY A 323 5.35 -8.37 17.04
CA GLY A 323 6.44 -7.59 16.46
C GLY A 323 6.52 -6.20 17.01
N VAL A 324 7.73 -5.65 16.94
CA VAL A 324 8.02 -4.31 17.42
C VAL A 324 8.96 -3.65 16.41
N GLN A 325 8.77 -2.35 16.18
CA GLN A 325 9.70 -1.53 15.37
C GLN A 325 9.85 -0.22 16.11
N VAL A 326 11.08 0.23 16.25
CA VAL A 326 11.34 1.55 16.82
C VAL A 326 12.38 2.21 15.91
N GLY A 327 12.13 3.42 15.50
CA GLY A 327 12.95 4.04 14.45
C GLY A 327 12.85 5.54 14.37
N ILE A 328 13.51 6.06 13.34
CA ILE A 328 13.55 7.47 13.05
C ILE A 328 13.17 7.62 11.58
N ARG A 329 12.38 8.64 11.32
CA ARG A 329 12.03 9.00 9.95
C ARG A 329 12.52 10.43 9.72
N HIS A 330 13.32 10.63 8.68
CA HIS A 330 13.85 11.95 8.35
C HIS A 330 13.51 12.24 6.89
N ALA A 331 12.70 13.26 6.69
CA ALA A 331 12.31 13.72 5.35
C ALA A 331 13.20 14.87 4.94
N PHE A 332 13.44 14.99 3.63
CA PHE A 332 14.20 16.11 3.10
C PHE A 332 13.64 16.54 1.76
#